data_3UFG
#
_entry.id   3UFG
#
_cell.length_a   114.580
_cell.length_b   114.580
_cell.length_c   157.707
_cell.angle_alpha   90.00
_cell.angle_beta   90.00
_cell.angle_gamma   120.00
#
_symmetry.space_group_name_H-M   'H 3'
#
loop_
_entity.id
_entity.type
_entity.pdbx_description
1 polymer 'Glycyl-tRNA synthetase alpha subunit'
2 non-polymer "ADENOSINE-5'-TRIPHOSPHATE"
3 non-polymer LEUCINE
#
_entity_poly.entity_id   1
_entity_poly.type   'polypeptide(L)'
_entity_poly.pdbx_seq_one_letter_code
;(MSE)HHHHHHSSGVDLGTENLYFQSNA(MSE)TFSQ(MSE)ILNLQNYWQEQGCAI(MSE)QPYD(MSE)PAGAGTFHP
ATFLRSLGKKPWAAAYVAPSRRPTDGRYGENPNRLGAYYQFQVLIKPSPDNIQELYLKSLENLGFDLKSHDIRFVEDNWE
SPSLGAWGLGWEVWLDG(MSE)EVTQFTYFQQVGGIAVDLVSAEITYGLERIA(MSE)YLQNVDNVYDIVWSEFNGEKIK
YADVHKQSEYEFSKYNFEVSDVKILNEQFENSYKECKNILEQGLALPAYDYC(MSE)LAAHTFNLLDARGAISVAQRQDY
(MSE)LKIRELSKNCAEIYKKNLNEAE
;
_entity_poly.pdbx_strand_id   A,B
#
# COMPACT_ATOMS: atom_id res chain seq x y z
N ASN A 17 -11.83 -32.72 -4.57
CA ASN A 17 -13.24 -32.84 -4.27
C ASN A 17 -13.55 -32.66 -2.79
N LEU A 18 -12.66 -31.95 -2.10
CA LEU A 18 -12.87 -31.64 -0.70
C LEU A 18 -13.22 -30.16 -0.59
N TYR A 19 -12.77 -29.39 -1.57
CA TYR A 19 -13.00 -27.96 -1.56
C TYR A 19 -13.97 -27.52 -2.68
N PHE A 20 -14.85 -26.58 -2.35
CA PHE A 20 -15.80 -26.02 -3.31
C PHE A 20 -15.79 -24.51 -3.19
N GLN A 21 -15.73 -23.83 -4.33
CA GLN A 21 -15.83 -22.37 -4.33
C GLN A 21 -17.17 -21.88 -3.76
N SER A 22 -18.24 -22.65 -3.97
CA SER A 22 -19.56 -22.33 -3.43
C SER A 22 -19.65 -22.53 -1.92
N ASN A 23 -18.55 -22.25 -1.23
CA ASN A 23 -18.39 -22.64 0.17
C ASN A 23 -17.01 -22.18 0.65
N ALA A 24 -16.15 -21.85 -0.31
CA ALA A 24 -14.83 -21.36 -0.01
C ALA A 24 -14.82 -19.88 0.41
N THR A 26 -13.66 -16.23 0.47
CA THR A 26 -13.22 -15.38 -0.63
C THR A 26 -11.86 -14.79 -0.34
N PHE A 27 -11.22 -14.27 -1.39
CA PHE A 27 -9.88 -13.75 -1.28
C PHE A 27 -9.78 -12.69 -0.19
N SER A 28 -10.75 -11.77 -0.19
CA SER A 28 -10.90 -10.74 0.84
C SER A 28 -11.02 -11.33 2.23
N GLN A 29 -12.01 -12.21 2.42
CA GLN A 29 -12.20 -12.92 3.68
C GLN A 29 -10.91 -13.59 4.21
N ILE A 31 -7.71 -12.92 3.51
CA ILE A 31 -6.84 -11.84 3.97
C ILE A 31 -7.17 -11.34 5.39
N LEU A 32 -8.45 -11.02 5.65
CA LEU A 32 -8.85 -10.60 7.00
C LEU A 32 -8.60 -11.69 8.05
N ASN A 33 -8.96 -12.92 7.69
CA ASN A 33 -8.71 -14.09 8.51
C ASN A 33 -7.24 -14.21 8.95
N LEU A 34 -6.32 -14.06 8.01
CA LEU A 34 -4.91 -14.09 8.33
C LEU A 34 -4.53 -12.95 9.28
N GLN A 35 -5.05 -11.75 9.02
CA GLN A 35 -4.68 -10.60 9.86
C GLN A 35 -5.17 -10.78 11.28
N ASN A 36 -6.36 -11.33 11.43
CA ASN A 36 -6.86 -11.68 12.74
C ASN A 36 -6.07 -12.79 13.42
N TYR A 37 -5.69 -13.82 12.65
CA TYR A 37 -4.90 -14.91 13.18
C TYR A 37 -3.58 -14.41 13.73
N TRP A 38 -2.82 -13.71 12.90
CA TRP A 38 -1.48 -13.32 13.31
C TRP A 38 -1.48 -12.24 14.37
N GLN A 39 -2.57 -11.49 14.45
CA GLN A 39 -2.72 -10.48 15.48
C GLN A 39 -2.87 -11.17 16.82
N GLU A 40 -3.69 -12.22 16.84
CA GLU A 40 -3.86 -13.04 18.04
C GLU A 40 -2.60 -13.82 18.40
N GLN A 41 -1.63 -13.89 17.49
CA GLN A 41 -0.36 -14.53 17.82
C GLN A 41 0.63 -13.50 18.31
N GLY A 42 0.20 -12.25 18.41
CA GLY A 42 1.02 -11.18 18.93
C GLY A 42 1.63 -10.22 17.93
N CYS A 43 1.23 -10.32 16.66
CA CYS A 43 1.75 -9.40 15.65
C CYS A 43 1.03 -8.05 15.67
N ALA A 44 1.78 -6.98 15.40
CA ALA A 44 1.20 -5.66 15.21
C ALA A 44 0.82 -5.55 13.73
N ILE A 45 -0.47 -5.52 13.43
CA ILE A 45 -0.89 -5.44 12.02
C ILE A 45 -0.48 -4.13 11.37
N GLN A 47 0.07 -1.88 7.46
CA GLN A 47 -0.52 -1.71 6.15
C GLN A 47 0.57 -1.72 5.07
N PRO A 48 0.22 -2.20 3.88
CA PRO A 48 1.08 -2.07 2.71
C PRO A 48 1.82 -0.73 2.67
N TYR A 49 2.96 -0.73 2.01
CA TYR A 49 3.75 0.48 1.87
C TYR A 49 3.34 1.20 0.58
N ASP A 50 3.67 2.47 0.47
CA ASP A 50 3.23 3.28 -0.69
C ASP A 50 4.38 3.46 -1.67
N PRO A 52 6.48 1.03 -4.70
CA PRO A 52 6.49 -0.23 -5.44
C PRO A 52 7.63 -1.15 -4.97
N ALA A 53 7.29 -2.39 -4.62
CA ALA A 53 8.27 -3.34 -4.07
C ALA A 53 8.14 -4.76 -4.63
N GLY A 54 9.30 -5.39 -4.89
CA GLY A 54 9.35 -6.76 -5.37
C GLY A 54 8.74 -7.73 -4.38
N ALA A 55 8.89 -7.44 -3.10
CA ALA A 55 8.48 -8.35 -2.03
C ALA A 55 8.17 -7.59 -0.75
N GLY A 56 7.35 -8.19 0.11
CA GLY A 56 7.10 -7.65 1.42
C GLY A 56 8.37 -7.41 2.21
N THR A 57 9.38 -8.22 1.95
CA THR A 57 10.65 -8.01 2.61
C THR A 57 11.22 -6.59 2.43
N PHE A 58 10.98 -5.99 1.27
CA PHE A 58 11.34 -4.59 1.06
C PHE A 58 10.62 -3.56 1.93
N HIS A 59 9.52 -3.95 2.55
CA HIS A 59 8.77 -3.04 3.41
C HIS A 59 9.72 -2.57 4.51
N PRO A 60 9.70 -1.27 4.83
CA PRO A 60 10.55 -0.79 5.93
C PRO A 60 10.20 -1.47 7.25
N ALA A 61 8.93 -1.87 7.38
CA ALA A 61 8.45 -2.61 8.55
C ALA A 61 9.16 -3.96 8.72
N THR A 62 9.92 -4.37 7.71
CA THR A 62 10.72 -5.60 7.74
C THR A 62 12.23 -5.31 7.60
N PHE A 63 12.66 -4.86 6.44
CA PHE A 63 14.07 -4.60 6.19
C PHE A 63 14.75 -3.75 7.27
N LEU A 64 14.04 -2.79 7.85
CA LEU A 64 14.69 -1.94 8.84
C LEU A 64 14.50 -2.45 10.26
N ARG A 65 13.25 -2.65 10.65
CA ARG A 65 12.93 -3.08 12.00
C ARG A 65 13.63 -4.39 12.39
N SER A 66 14.09 -5.13 11.39
CA SER A 66 14.80 -6.38 11.63
C SER A 66 16.16 -6.07 12.27
N LEU A 67 16.75 -4.93 11.89
CA LEU A 67 17.96 -4.42 12.54
C LEU A 67 17.74 -4.05 14.00
N GLY A 68 18.80 -4.25 14.79
CA GLY A 68 18.85 -3.79 16.15
C GLY A 68 18.32 -4.76 17.20
N LYS A 69 18.32 -4.27 18.42
CA LYS A 69 18.03 -5.07 19.60
C LYS A 69 16.55 -5.34 19.83
N LYS A 70 15.72 -4.30 19.73
CA LYS A 70 14.31 -4.37 20.15
C LYS A 70 13.49 -5.43 19.41
N PRO A 71 12.65 -6.16 20.15
CA PRO A 71 11.73 -7.15 19.58
C PRO A 71 10.67 -6.49 18.71
N TRP A 72 10.11 -7.24 17.77
CA TRP A 72 9.16 -6.68 16.81
C TRP A 72 8.36 -7.79 16.14
N ALA A 73 7.03 -7.68 16.23
CA ALA A 73 6.15 -8.60 15.52
C ALA A 73 5.16 -7.82 14.67
N ALA A 74 5.10 -8.17 13.38
CA ALA A 74 4.32 -7.43 12.41
C ALA A 74 3.77 -8.36 11.34
N ALA A 75 2.47 -8.29 11.09
CA ALA A 75 1.88 -8.99 9.94
C ALA A 75 1.24 -7.97 9.02
N TYR A 76 1.24 -8.24 7.71
CA TYR A 76 0.68 -7.31 6.73
C TYR A 76 0.65 -7.83 5.30
N VAL A 77 -0.40 -7.45 4.56
CA VAL A 77 -0.48 -7.72 3.14
C VAL A 77 0.58 -6.90 2.42
N ALA A 78 1.22 -7.53 1.43
CA ALA A 78 2.34 -6.92 0.74
C ALA A 78 2.19 -7.08 -0.77
N PRO A 79 1.54 -6.09 -1.40
CA PRO A 79 1.30 -6.07 -2.84
C PRO A 79 2.61 -5.87 -3.57
N SER A 80 2.99 -6.84 -4.40
CA SER A 80 4.37 -6.93 -4.86
C SER A 80 4.45 -6.84 -6.36
N ARG A 81 5.42 -6.08 -6.84
CA ARG A 81 5.59 -5.84 -8.26
C ARG A 81 6.83 -6.54 -8.81
N ARG A 82 6.64 -7.53 -9.67
CA ARG A 82 7.76 -8.13 -10.41
C ARG A 82 7.58 -7.98 -11.91
N PRO A 83 8.01 -6.83 -12.46
CA PRO A 83 7.84 -6.53 -13.89
C PRO A 83 8.20 -7.71 -14.80
N THR A 84 9.26 -8.47 -14.49
CA THR A 84 9.68 -9.56 -15.39
C THR A 84 8.73 -10.76 -15.33
N ASP A 85 7.94 -10.86 -14.27
CA ASP A 85 7.04 -11.99 -14.12
C ASP A 85 5.74 -11.85 -14.91
N GLY A 86 5.50 -10.66 -15.46
CA GLY A 86 4.28 -10.39 -16.19
C GLY A 86 4.11 -11.21 -17.44
N ARG A 87 2.88 -11.67 -17.66
CA ARG A 87 2.53 -12.52 -18.80
C ARG A 87 1.25 -12.05 -19.54
N TYR A 88 0.98 -10.74 -19.46
CA TYR A 88 -0.10 -10.11 -20.22
C TYR A 88 -1.50 -10.54 -19.82
N GLY A 89 -1.63 -11.11 -18.63
CA GLY A 89 -2.90 -11.65 -18.19
C GLY A 89 -3.27 -12.97 -18.86
N GLU A 90 -2.31 -13.62 -19.49
CA GLU A 90 -2.58 -14.86 -20.24
C GLU A 90 -2.17 -16.14 -19.48
N ASN A 91 -1.37 -15.96 -18.42
CA ASN A 91 -0.89 -17.09 -17.64
C ASN A 91 -1.75 -17.25 -16.39
N PRO A 92 -2.20 -18.50 -16.12
CA PRO A 92 -3.05 -18.85 -14.98
C PRO A 92 -2.34 -18.95 -13.64
N ASN A 93 -1.05 -18.62 -13.56
CA ASN A 93 -0.29 -18.86 -12.34
C ASN A 93 0.65 -17.75 -11.98
N ARG A 94 1.26 -17.16 -13.00
CA ARG A 94 2.29 -16.17 -12.77
C ARG A 94 1.75 -14.78 -13.04
N LEU A 95 1.99 -13.89 -12.10
CA LEU A 95 1.49 -12.52 -12.16
C LEU A 95 2.63 -11.52 -12.08
N GLY A 96 2.52 -10.43 -12.86
CA GLY A 96 3.51 -9.36 -12.84
C GLY A 96 3.39 -8.54 -11.57
N ALA A 97 2.26 -8.71 -10.89
CA ALA A 97 2.01 -8.06 -9.60
C ALA A 97 1.02 -8.95 -8.89
N TYR A 98 1.21 -9.12 -7.59
CA TYR A 98 0.44 -10.11 -6.86
C TYR A 98 0.60 -9.87 -5.37
N TYR A 99 -0.21 -10.58 -4.59
CA TYR A 99 -0.31 -10.28 -3.17
C TYR A 99 0.39 -11.30 -2.29
N GLN A 100 1.35 -10.82 -1.51
CA GLN A 100 1.99 -11.63 -0.49
C GLN A 100 1.36 -11.31 0.84
N PHE A 101 1.29 -12.29 1.74
CA PHE A 101 1.09 -11.96 3.14
C PHE A 101 2.42 -12.15 3.87
N GLN A 102 2.76 -11.18 4.71
CA GLN A 102 4.07 -11.18 5.32
C GLN A 102 3.98 -11.15 6.82
N VAL A 103 4.61 -12.14 7.47
CA VAL A 103 4.72 -12.21 8.91
C VAL A 103 6.20 -12.08 9.31
N LEU A 104 6.48 -11.28 10.33
CA LEU A 104 7.85 -11.00 10.74
C LEU A 104 7.96 -11.04 12.24
N ILE A 105 8.38 -12.17 12.80
CA ILE A 105 8.55 -12.26 14.24
C ILE A 105 10.01 -12.24 14.67
N LYS A 106 10.35 -11.22 15.44
CA LYS A 106 11.69 -11.02 15.92
C LYS A 106 11.61 -10.90 17.43
N PRO A 107 12.21 -11.87 18.15
CA PRO A 107 12.95 -13.03 17.67
C PRO A 107 12.05 -14.24 17.39
N SER A 108 12.46 -15.13 16.50
CA SER A 108 11.63 -16.28 16.12
C SER A 108 11.26 -17.14 17.30
N PRO A 109 10.01 -17.63 17.32
CA PRO A 109 9.58 -18.63 18.28
C PRO A 109 9.98 -20.03 17.82
N ASP A 110 9.65 -21.04 18.62
CA ASP A 110 9.87 -22.43 18.27
C ASP A 110 8.76 -22.91 17.33
N ASN A 111 7.52 -22.75 17.78
CA ASN A 111 6.35 -23.24 17.07
C ASN A 111 6.12 -22.60 15.69
N ILE A 112 6.98 -21.66 15.31
CA ILE A 112 6.92 -21.03 14.00
C ILE A 112 6.26 -21.93 12.94
N GLN A 113 6.61 -23.19 12.97
CA GLN A 113 6.08 -24.18 12.04
C GLN A 113 4.66 -24.55 12.44
N GLU A 114 4.48 -24.79 13.73
CA GLU A 114 3.17 -25.06 14.32
C GLU A 114 2.18 -23.93 13.98
N LEU A 115 2.63 -22.69 14.21
CA LEU A 115 1.86 -21.50 13.95
C LEU A 115 1.36 -21.42 12.51
N TYR A 116 2.26 -21.65 11.56
CA TYR A 116 1.90 -21.55 10.16
C TYR A 116 0.88 -22.60 9.74
N LEU A 117 1.01 -23.81 10.28
CA LEU A 117 0.10 -24.88 9.92
C LEU A 117 -1.26 -24.67 10.55
N LYS A 118 -1.27 -24.09 11.75
CA LYS A 118 -2.52 -23.80 12.40
C LYS A 118 -3.24 -22.70 11.60
N SER A 119 -2.48 -21.76 11.05
CA SER A 119 -3.07 -20.71 10.24
C SER A 119 -3.72 -21.26 8.96
N LEU A 120 -3.05 -22.20 8.31
CA LEU A 120 -3.64 -22.84 7.13
C LEU A 120 -4.93 -23.53 7.50
N GLU A 121 -4.92 -24.22 8.63
CA GLU A 121 -6.13 -24.85 9.14
C GLU A 121 -7.21 -23.76 9.25
N ASN A 122 -6.79 -22.57 9.66
CA ASN A 122 -7.73 -21.45 9.84
C ASN A 122 -8.41 -20.99 8.56
N LEU A 123 -7.70 -21.06 7.44
CA LEU A 123 -8.27 -20.69 6.17
C LEU A 123 -9.22 -21.76 5.64
N GLY A 124 -9.38 -22.85 6.39
CA GLY A 124 -10.31 -23.90 6.03
C GLY A 124 -9.58 -25.11 5.51
N PHE A 125 -8.28 -25.15 5.74
CA PHE A 125 -7.49 -26.24 5.22
C PHE A 125 -7.58 -27.50 6.07
N ASP A 126 -7.76 -28.63 5.40
CA ASP A 126 -7.64 -29.94 6.03
C ASP A 126 -6.28 -30.53 5.67
N LEU A 127 -5.26 -30.25 6.49
CA LEU A 127 -3.86 -30.61 6.20
C LEU A 127 -3.68 -32.10 5.94
N LYS A 128 -4.30 -32.89 6.80
CA LYS A 128 -4.24 -34.33 6.74
C LYS A 128 -4.43 -34.87 5.31
N SER A 129 -5.09 -34.07 4.48
CA SER A 129 -5.42 -34.51 3.13
C SER A 129 -4.35 -34.07 2.14
N HIS A 130 -3.36 -33.34 2.63
CA HIS A 130 -2.35 -32.77 1.76
C HIS A 130 -0.96 -33.20 2.21
N ASP A 131 -0.04 -33.28 1.26
CA ASP A 131 1.36 -33.52 1.62
C ASP A 131 2.13 -32.21 1.53
N ILE A 132 2.67 -31.78 2.67
CA ILE A 132 3.39 -30.52 2.71
C ILE A 132 4.89 -30.75 2.94
N ARG A 133 5.68 -30.65 1.86
CA ARG A 133 7.13 -30.79 1.95
C ARG A 133 7.76 -29.47 2.40
N PHE A 134 8.98 -29.51 2.90
CA PHE A 134 9.72 -28.29 3.22
C PHE A 134 11.13 -28.24 2.62
N VAL A 135 11.21 -28.46 1.31
CA VAL A 135 12.45 -28.25 0.58
C VAL A 135 13.26 -27.07 1.12
N GLU A 136 14.49 -27.34 1.56
CA GLU A 136 15.39 -26.29 2.03
C GLU A 136 15.89 -25.45 0.87
N ASP A 137 15.93 -24.14 1.08
CA ASP A 137 16.35 -23.23 0.03
C ASP A 137 16.68 -21.89 0.66
N ASN A 138 17.99 -21.63 0.78
CA ASN A 138 18.46 -20.44 1.47
C ASN A 138 18.22 -19.10 0.77
N TRP A 139 18.01 -18.07 1.58
CA TRP A 139 17.76 -16.74 1.09
C TRP A 139 19.04 -15.93 0.94
N GLU A 140 19.40 -15.68 -0.32
CA GLU A 140 20.55 -14.85 -0.66
C GLU A 140 20.08 -13.60 -1.39
N SER A 141 20.28 -12.44 -0.78
CA SER A 141 19.96 -11.19 -1.45
C SER A 141 21.13 -10.22 -1.49
N PRO A 142 21.83 -10.19 -2.62
CA PRO A 142 22.97 -9.28 -2.70
C PRO A 142 22.52 -7.81 -2.73
N SER A 143 21.50 -7.51 -3.53
CA SER A 143 20.91 -6.17 -3.56
C SER A 143 20.60 -5.63 -2.15
N LEU A 144 20.06 -6.47 -1.30
CA LEU A 144 19.84 -6.05 0.08
C LEU A 144 20.99 -6.37 1.03
N GLY A 145 22.08 -6.93 0.49
CA GLY A 145 23.18 -7.42 1.31
C GLY A 145 22.62 -8.31 2.40
N ALA A 146 21.77 -9.24 2.01
CA ALA A 146 21.05 -10.06 2.98
C ALA A 146 21.21 -11.56 2.78
N TRP A 147 21.19 -12.28 3.89
CA TRP A 147 21.30 -13.72 3.88
C TRP A 147 20.51 -14.32 5.03
N GLY A 148 19.86 -15.44 4.79
CA GLY A 148 19.24 -16.18 5.87
C GLY A 148 18.95 -17.63 5.53
N LEU A 149 18.70 -18.44 6.56
CA LEU A 149 18.24 -19.82 6.38
C LEU A 149 16.80 -19.83 5.87
N GLY A 150 16.50 -20.65 4.87
CA GLY A 150 15.17 -20.61 4.27
C GLY A 150 14.53 -21.92 3.81
N TRP A 151 13.20 -22.01 3.95
CA TRP A 151 12.47 -23.17 3.46
C TRP A 151 11.29 -22.82 2.53
N GLU A 152 11.08 -23.65 1.52
CA GLU A 152 9.96 -23.51 0.59
C GLU A 152 8.87 -24.50 0.96
N VAL A 153 7.73 -24.02 1.43
CA VAL A 153 6.59 -24.89 1.61
C VAL A 153 6.02 -25.27 0.25
N TRP A 154 5.93 -26.57 0.01
CA TRP A 154 5.19 -27.08 -1.14
C TRP A 154 3.98 -27.84 -0.66
N LEU A 155 2.81 -27.42 -1.12
CA LEU A 155 1.59 -28.14 -0.84
C LEU A 155 1.09 -28.81 -2.11
N ASP A 156 1.20 -30.14 -2.14
CA ASP A 156 0.78 -30.91 -3.31
C ASP A 156 1.55 -30.53 -4.56
N GLY A 157 2.87 -30.35 -4.42
CA GLY A 157 3.70 -30.10 -5.59
C GLY A 157 3.46 -28.74 -6.20
N GLU A 159 4.68 -24.76 -4.63
CA GLU A 159 5.09 -23.94 -3.49
C GLU A 159 4.04 -22.88 -3.14
N VAL A 160 3.79 -22.71 -1.85
CA VAL A 160 2.71 -21.85 -1.39
C VAL A 160 3.19 -20.82 -0.36
N THR A 161 4.40 -21.06 0.16
CA THR A 161 4.98 -20.22 1.20
C THR A 161 6.52 -20.34 1.27
N GLN A 162 7.14 -19.31 1.85
CA GLN A 162 8.56 -19.29 2.12
C GLN A 162 8.80 -18.93 3.57
N PHE A 163 9.62 -19.73 4.26
CA PHE A 163 10.12 -19.37 5.58
C PHE A 163 11.52 -18.81 5.41
N THR A 164 11.94 -17.97 6.35
CA THR A 164 13.28 -17.43 6.32
C THR A 164 13.67 -16.92 7.69
N TYR A 165 14.88 -17.28 8.10
CA TYR A 165 15.43 -16.78 9.35
C TYR A 165 16.53 -15.82 8.97
N PHE A 166 16.46 -14.61 9.48
CA PHE A 166 17.40 -13.57 9.08
C PHE A 166 18.72 -13.66 9.83
N GLN A 167 19.81 -13.72 9.10
CA GLN A 167 21.13 -13.81 9.70
C GLN A 167 21.88 -12.51 9.42
N GLN A 168 21.82 -12.09 8.16
CA GLN A 168 22.45 -10.83 7.78
C GLN A 168 21.57 -9.89 6.93
N VAL A 169 21.51 -8.62 7.32
CA VAL A 169 20.72 -7.61 6.58
C VAL A 169 21.48 -6.32 6.25
N GLY A 170 21.50 -5.98 4.97
CA GLY A 170 22.22 -4.80 4.53
C GLY A 170 23.68 -4.94 4.90
N GLY A 171 24.25 -6.12 4.65
CA GLY A 171 25.64 -6.40 4.97
C GLY A 171 25.95 -6.31 6.46
N ILE A 172 24.94 -6.56 7.28
CA ILE A 172 25.05 -6.40 8.72
C ILE A 172 24.51 -7.65 9.36
N ALA A 173 25.24 -8.18 10.33
CA ALA A 173 24.77 -9.34 11.07
C ALA A 173 23.66 -8.92 12.04
N VAL A 174 22.71 -9.81 12.29
CA VAL A 174 21.58 -9.48 13.13
C VAL A 174 21.91 -9.64 14.60
N ASP A 175 21.24 -8.87 15.46
CA ASP A 175 21.37 -9.06 16.89
C ASP A 175 20.38 -10.14 17.33
N LEU A 176 19.16 -10.06 16.81
CA LEU A 176 18.21 -11.15 16.96
C LEU A 176 17.80 -11.66 15.60
N VAL A 177 17.42 -12.92 15.55
CA VAL A 177 16.97 -13.54 14.32
C VAL A 177 15.47 -13.25 14.08
N SER A 178 15.14 -12.72 12.91
CA SER A 178 13.76 -12.47 12.54
C SER A 178 13.18 -13.68 11.82
N ALA A 179 12.10 -14.23 12.34
CA ALA A 179 11.32 -15.20 11.58
C ALA A 179 10.47 -14.50 10.50
N GLU A 180 10.37 -15.12 9.33
CA GLU A 180 9.74 -14.45 8.22
C GLU A 180 8.93 -15.44 7.39
N ILE A 181 7.61 -15.27 7.41
CA ILE A 181 6.73 -16.12 6.63
C ILE A 181 6.15 -15.31 5.47
N THR A 182 6.12 -15.92 4.31
CA THR A 182 5.66 -15.24 3.11
C THR A 182 4.71 -16.10 2.30
N TYR A 183 3.43 -15.75 2.35
CA TYR A 183 2.40 -16.51 1.63
C TYR A 183 2.22 -16.04 0.20
N GLY A 184 2.01 -17.01 -0.70
CA GLY A 184 1.49 -16.73 -2.03
C GLY A 184 -0.02 -16.92 -1.98
N LEU A 185 -0.73 -15.82 -1.73
CA LEU A 185 -2.17 -15.87 -1.49
C LEU A 185 -2.94 -16.46 -2.67
N GLU A 186 -2.66 -15.96 -3.87
CA GLU A 186 -3.37 -16.43 -5.06
C GLU A 186 -3.21 -17.92 -5.26
N ARG A 187 -2.01 -18.44 -5.00
CA ARG A 187 -1.75 -19.88 -5.09
C ARG A 187 -2.60 -20.60 -4.03
N ILE A 188 -2.60 -20.04 -2.83
CA ILE A 188 -3.35 -20.63 -1.74
C ILE A 188 -4.86 -20.64 -1.99
N ALA A 189 -5.41 -19.50 -2.45
CA ALA A 189 -6.85 -19.41 -2.76
C ALA A 189 -7.27 -20.30 -3.91
N TYR A 191 -6.24 -23.18 -4.33
CA TYR A 191 -6.46 -24.49 -3.74
C TYR A 191 -7.78 -24.53 -2.98
N LEU A 192 -8.04 -23.49 -2.19
CA LEU A 192 -9.24 -23.41 -1.35
C LEU A 192 -10.52 -23.33 -2.19
N GLN A 193 -10.44 -22.60 -3.29
CA GLN A 193 -11.64 -22.40 -4.08
C GLN A 193 -11.71 -23.42 -5.19
N ASN A 194 -10.66 -24.22 -5.29
CA ASN A 194 -10.59 -25.26 -6.30
C ASN A 194 -10.70 -24.72 -7.72
N VAL A 195 -9.77 -23.85 -8.10
CA VAL A 195 -9.79 -23.24 -9.42
C VAL A 195 -8.46 -23.33 -10.16
N ASP A 196 -8.50 -23.96 -11.33
CA ASP A 196 -7.32 -24.21 -12.13
C ASP A 196 -6.67 -22.91 -12.59
N ASN A 197 -7.32 -21.80 -12.30
CA ASN A 197 -6.96 -20.50 -12.86
C ASN A 197 -7.11 -19.39 -11.82
N VAL A 198 -6.13 -18.49 -11.78
CA VAL A 198 -6.05 -17.44 -10.76
C VAL A 198 -7.17 -16.36 -10.91
N TYR A 199 -7.52 -16.05 -12.15
CA TYR A 199 -8.52 -15.05 -12.44
C TYR A 199 -9.92 -15.49 -12.05
N ASP A 200 -10.11 -16.80 -11.94
CA ASP A 200 -11.39 -17.38 -11.56
C ASP A 200 -11.55 -17.41 -10.05
N ILE A 201 -10.59 -16.82 -9.33
CA ILE A 201 -10.74 -16.65 -7.90
C ILE A 201 -11.86 -15.63 -7.62
N VAL A 202 -12.74 -15.96 -6.68
CA VAL A 202 -13.67 -14.99 -6.17
C VAL A 202 -12.96 -14.06 -5.20
N TRP A 203 -13.03 -12.76 -5.49
CA TRP A 203 -12.44 -11.71 -4.67
C TRP A 203 -13.34 -11.36 -3.47
N SER A 204 -14.63 -11.19 -3.74
CA SER A 204 -15.63 -11.08 -2.68
C SER A 204 -17.01 -11.32 -3.25
N GLU A 205 -17.94 -11.63 -2.37
CA GLU A 205 -19.31 -11.92 -2.77
C GLU A 205 -20.27 -11.23 -1.81
N PHE A 206 -21.27 -10.55 -2.36
CA PHE A 206 -22.34 -9.97 -1.56
C PHE A 206 -23.66 -10.48 -2.13
N ASN A 207 -24.45 -11.15 -1.29
CA ASN A 207 -25.76 -11.66 -1.72
C ASN A 207 -25.76 -12.31 -3.11
N GLY A 208 -24.88 -13.28 -3.31
CA GLY A 208 -24.84 -14.02 -4.55
C GLY A 208 -24.19 -13.26 -5.68
N GLU A 209 -23.64 -12.08 -5.39
CA GLU A 209 -22.94 -11.30 -6.39
C GLU A 209 -21.43 -11.38 -6.17
N LYS A 210 -20.77 -12.17 -7.01
CA LYS A 210 -19.34 -12.44 -6.84
C LYS A 210 -18.48 -11.52 -7.68
N ILE A 211 -17.45 -10.91 -7.08
CA ILE A 211 -16.41 -10.23 -7.85
C ILE A 211 -15.25 -11.19 -8.09
N LYS A 212 -14.92 -11.43 -9.34
CA LYS A 212 -13.79 -12.27 -9.71
C LYS A 212 -12.47 -11.51 -9.69
N TYR A 213 -11.39 -12.24 -9.40
CA TYR A 213 -10.04 -11.65 -9.41
C TYR A 213 -9.81 -10.91 -10.73
N ALA A 214 -10.26 -11.52 -11.82
CA ALA A 214 -10.25 -10.91 -13.15
C ALA A 214 -10.84 -9.48 -13.21
N ASP A 215 -12.01 -9.32 -12.59
CA ASP A 215 -12.69 -8.02 -12.58
C ASP A 215 -11.82 -6.96 -11.92
N VAL A 216 -11.01 -7.37 -10.95
CA VAL A 216 -10.11 -6.43 -10.32
C VAL A 216 -8.81 -6.23 -11.12
N HIS A 217 -8.14 -7.34 -11.49
CA HIS A 217 -6.75 -7.24 -11.96
C HIS A 217 -6.43 -7.63 -13.41
N LYS A 218 -7.37 -8.27 -14.09
CA LYS A 218 -7.09 -8.70 -15.46
C LYS A 218 -6.54 -7.58 -16.32
N GLN A 219 -7.26 -6.46 -16.37
CA GLN A 219 -6.87 -5.30 -17.16
C GLN A 219 -5.47 -4.74 -16.81
N SER A 220 -5.16 -4.65 -15.53
CA SER A 220 -3.85 -4.12 -15.12
C SER A 220 -2.74 -5.10 -15.48
N GLU A 221 -3.04 -6.39 -15.43
CA GLU A 221 -2.06 -7.39 -15.80
C GLU A 221 -1.70 -7.22 -17.26
N TYR A 222 -2.72 -7.08 -18.10
CA TYR A 222 -2.45 -6.82 -19.52
C TYR A 222 -1.73 -5.50 -19.75
N GLU A 223 -2.18 -4.43 -19.09
CA GLU A 223 -1.62 -3.08 -19.31
C GLU A 223 -0.19 -2.90 -18.77
N PHE A 224 0.06 -3.37 -17.55
CA PHE A 224 1.40 -3.27 -17.01
C PHE A 224 2.44 -4.10 -17.77
N SER A 225 2.01 -5.22 -18.37
CA SER A 225 2.87 -6.04 -19.21
C SER A 225 3.25 -5.29 -20.46
N LYS A 226 2.24 -4.74 -21.13
CA LYS A 226 2.50 -3.96 -22.33
C LYS A 226 3.44 -2.81 -22.00
N TYR A 227 3.28 -2.22 -20.83
CA TYR A 227 4.16 -1.11 -20.46
C TYR A 227 5.63 -1.53 -20.14
N ASN A 228 5.78 -2.54 -19.28
CA ASN A 228 7.08 -3.00 -18.84
C ASN A 228 7.96 -3.53 -19.97
N PHE A 229 7.33 -4.28 -20.87
CA PHE A 229 8.02 -4.98 -21.93
C PHE A 229 8.19 -4.17 -23.22
N GLU A 230 7.27 -3.24 -23.50
CA GLU A 230 7.20 -2.67 -24.85
C GLU A 230 7.12 -1.14 -24.95
N VAL A 231 6.85 -0.47 -23.85
CA VAL A 231 6.49 0.95 -23.92
C VAL A 231 7.38 1.86 -23.11
N SER A 232 7.71 1.45 -21.88
CA SER A 232 8.54 2.26 -21.00
C SER A 232 9.70 2.92 -21.74
N ASP A 233 10.16 4.04 -21.21
CA ASP A 233 11.16 4.87 -21.85
C ASP A 233 12.45 4.76 -21.08
N VAL A 234 13.43 4.07 -21.68
CA VAL A 234 14.66 3.68 -21.00
C VAL A 234 15.45 4.89 -20.45
N LYS A 235 15.65 5.89 -21.30
CA LYS A 235 16.40 7.07 -20.93
C LYS A 235 15.81 7.75 -19.69
N ILE A 236 14.50 7.67 -19.54
CA ILE A 236 13.81 8.20 -18.37
C ILE A 236 13.98 7.31 -17.14
N LEU A 237 13.69 6.02 -17.30
CA LEU A 237 13.99 5.04 -16.24
C LEU A 237 15.45 5.11 -15.80
N ASN A 238 16.36 5.30 -16.74
CA ASN A 238 17.72 5.66 -16.38
C ASN A 238 17.80 6.87 -15.45
N GLU A 239 17.27 8.02 -15.89
CA GLU A 239 17.28 9.22 -15.05
C GLU A 239 16.66 8.97 -13.69
N GLN A 240 15.54 8.28 -13.69
CA GLN A 240 14.85 7.93 -12.45
C GLN A 240 15.77 7.18 -11.49
N PHE A 241 16.46 6.15 -12.00
CA PHE A 241 17.42 5.39 -11.21
C PHE A 241 18.60 6.23 -10.76
N GLU A 242 19.26 6.89 -11.69
CA GLU A 242 20.36 7.76 -11.35
C GLU A 242 19.94 8.84 -10.36
N ASN A 243 18.68 9.25 -10.43
CA ASN A 243 18.20 10.29 -9.52
C ASN A 243 17.81 9.80 -8.14
N SER A 244 17.26 8.59 -8.04
CA SER A 244 16.89 8.06 -6.71
C SER A 244 18.12 7.61 -5.92
N TYR A 245 19.20 7.32 -6.63
CA TYR A 245 20.48 6.94 -6.02
C TYR A 245 21.14 8.18 -5.46
N LYS A 246 21.35 9.16 -6.34
CA LYS A 246 21.86 10.48 -5.98
C LYS A 246 21.16 11.06 -4.74
N GLU A 247 19.83 10.99 -4.71
CA GLU A 247 19.08 11.60 -3.62
C GLU A 247 19.17 10.78 -2.34
N CYS A 248 19.06 9.45 -2.46
CA CYS A 248 19.30 8.56 -1.33
C CYS A 248 20.62 8.89 -0.60
N LYS A 249 21.70 9.06 -1.35
CA LYS A 249 22.99 9.39 -0.75
C LYS A 249 22.99 10.81 -0.21
N ASN A 250 22.21 11.69 -0.85
CA ASN A 250 22.03 13.06 -0.35
C ASN A 250 21.46 13.05 1.05
N ILE A 251 20.36 12.31 1.21
CA ILE A 251 19.66 12.20 2.48
C ILE A 251 20.48 11.54 3.58
N LEU A 252 21.06 10.37 3.27
CA LEU A 252 21.88 9.62 4.23
C LEU A 252 23.03 10.46 4.77
N GLU A 253 23.62 11.26 3.89
CA GLU A 253 24.54 12.30 4.31
C GLU A 253 23.91 13.22 5.37
N GLN A 254 22.58 13.34 5.38
CA GLN A 254 21.91 14.17 6.40
C GLN A 254 21.51 13.34 7.61
N GLY A 255 21.76 12.04 7.56
CA GLY A 255 21.48 11.17 8.68
C GLY A 255 20.04 10.72 8.76
N LEU A 256 19.28 10.94 7.68
CA LEU A 256 17.88 10.55 7.64
C LEU A 256 17.70 9.21 6.92
N ALA A 257 17.40 8.18 7.70
CA ALA A 257 17.26 6.83 7.15
C ALA A 257 15.95 6.59 6.39
N LEU A 258 14.82 6.83 7.04
CA LEU A 258 13.53 6.42 6.52
C LEU A 258 13.18 7.05 5.15
N PRO A 259 13.33 8.37 5.03
CA PRO A 259 13.10 8.98 3.73
C PRO A 259 14.12 8.43 2.72
N ALA A 260 15.38 8.33 3.14
CA ALA A 260 16.41 7.75 2.27
C ALA A 260 16.01 6.38 1.72
N TYR A 261 15.39 5.55 2.54
CA TYR A 261 15.05 4.20 2.11
C TYR A 261 13.94 4.14 1.07
N ASP A 262 13.11 5.18 1.00
CA ASP A 262 12.09 5.24 -0.04
C ASP A 262 12.76 5.32 -1.41
N TYR A 263 13.81 6.12 -1.52
CA TYR A 263 14.57 6.23 -2.75
C TYR A 263 15.38 4.95 -3.06
N CYS A 264 15.75 4.22 -2.02
CA CYS A 264 16.34 2.92 -2.22
C CYS A 264 15.31 1.98 -2.89
N LEU A 266 12.88 2.74 -4.68
CA LEU A 266 12.62 3.27 -6.01
C LEU A 266 13.74 2.91 -6.97
N ALA A 267 14.99 3.05 -6.52
CA ALA A 267 16.15 2.53 -7.27
C ALA A 267 15.90 1.08 -7.64
N ALA A 268 15.63 0.25 -6.64
CA ALA A 268 15.45 -1.19 -6.89
C ALA A 268 14.34 -1.47 -7.90
N HIS A 269 13.21 -0.79 -7.75
CA HIS A 269 12.06 -1.05 -8.62
C HIS A 269 12.36 -0.59 -10.04
N THR A 270 13.05 0.53 -10.14
CA THR A 270 13.41 1.07 -11.43
C THR A 270 14.28 0.08 -12.16
N PHE A 271 15.30 -0.44 -11.48
CA PHE A 271 16.19 -1.45 -12.05
C PHE A 271 15.37 -2.65 -12.55
N ASN A 272 14.43 -3.10 -11.73
CA ASN A 272 13.59 -4.22 -12.12
C ASN A 272 12.84 -3.97 -13.43
N LEU A 273 12.56 -2.71 -13.71
CA LEU A 273 11.85 -2.30 -14.91
C LEU A 273 12.76 -2.26 -16.12
N LEU A 274 13.95 -1.68 -15.94
CA LEU A 274 14.97 -1.69 -16.98
C LEU A 274 15.28 -3.13 -17.41
N ASP A 275 15.19 -4.05 -16.47
CA ASP A 275 15.40 -5.46 -16.73
C ASP A 275 14.24 -6.05 -17.54
N ALA A 276 13.02 -5.70 -17.18
CA ALA A 276 11.85 -6.17 -17.94
C ALA A 276 11.86 -5.58 -19.34
N ARG A 277 12.40 -4.39 -19.47
CA ARG A 277 12.44 -3.71 -20.74
C ARG A 277 13.52 -4.31 -21.65
N GLY A 278 14.31 -5.22 -21.08
CA GLY A 278 15.39 -5.87 -21.81
C GLY A 278 16.54 -4.91 -22.06
N ALA A 279 16.59 -3.84 -21.28
CA ALA A 279 17.51 -2.74 -21.48
C ALA A 279 18.80 -2.80 -20.66
N ILE A 280 19.14 -3.99 -20.15
CA ILE A 280 20.33 -4.18 -19.32
C ILE A 280 21.22 -5.30 -19.87
N SER A 281 22.53 -5.19 -19.64
CA SER A 281 23.49 -6.25 -19.98
C SER A 281 24.30 -6.66 -18.74
N VAL A 282 25.08 -7.73 -18.85
CA VAL A 282 25.89 -8.23 -17.73
C VAL A 282 26.78 -7.12 -17.17
N ALA A 283 27.41 -6.37 -18.07
CA ALA A 283 28.26 -5.25 -17.70
C ALA A 283 27.50 -4.32 -16.78
N GLN A 284 26.50 -3.66 -17.35
CA GLN A 284 25.72 -2.68 -16.62
C GLN A 284 24.89 -3.30 -15.51
N ARG A 285 24.56 -4.59 -15.64
CA ARG A 285 23.76 -5.22 -14.60
C ARG A 285 24.50 -5.16 -13.28
N GLN A 286 25.82 -5.36 -13.35
CA GLN A 286 26.71 -5.32 -12.20
C GLN A 286 26.74 -3.94 -11.56
N ASP A 287 26.83 -2.90 -12.39
CA ASP A 287 26.87 -1.52 -11.90
C ASP A 287 25.57 -1.13 -11.16
N TYR A 288 24.43 -1.56 -11.67
CA TYR A 288 23.20 -1.34 -10.93
C TYR A 288 23.27 -2.04 -9.56
N LEU A 290 25.45 -3.10 -7.76
CA LEU A 290 26.43 -2.41 -6.94
C LEU A 290 25.82 -1.24 -6.17
N LYS A 291 25.37 -0.25 -6.95
CA LYS A 291 24.76 0.97 -6.40
C LYS A 291 23.58 0.69 -5.48
N ILE A 292 22.72 -0.24 -5.88
CA ILE A 292 21.59 -0.61 -5.04
C ILE A 292 22.05 -1.14 -3.69
N ARG A 293 22.87 -2.20 -3.76
CA ARG A 293 23.43 -2.84 -2.57
C ARG A 293 24.13 -1.81 -1.72
N GLU A 294 24.90 -0.95 -2.37
CA GLU A 294 25.50 0.16 -1.67
C GLU A 294 24.44 0.91 -0.86
N LEU A 295 23.34 1.30 -1.52
CA LEU A 295 22.26 2.02 -0.87
C LEU A 295 21.62 1.22 0.28
N SER A 296 21.22 -0.01 0.03
CA SER A 296 20.63 -0.81 1.10
C SER A 296 21.50 -0.79 2.37
N LYS A 297 22.82 -0.82 2.17
CA LYS A 297 23.77 -0.91 3.27
C LYS A 297 23.88 0.39 4.04
N ASN A 298 24.16 1.48 3.34
CA ASN A 298 24.16 2.79 3.98
C ASN A 298 22.84 3.06 4.68
N CYS A 299 21.75 2.65 4.04
CA CYS A 299 20.43 2.79 4.63
C CYS A 299 20.37 2.01 5.94
N ALA A 300 20.77 0.75 5.89
CA ALA A 300 20.71 -0.09 7.07
C ALA A 300 21.63 0.46 8.16
N GLU A 301 22.83 0.88 7.75
CA GLU A 301 23.81 1.42 8.67
C GLU A 301 23.21 2.55 9.49
N ILE A 302 22.81 3.62 8.80
CA ILE A 302 22.33 4.82 9.47
C ILE A 302 21.07 4.59 10.29
N TYR A 303 20.17 3.76 9.80
CA TYR A 303 19.02 3.40 10.63
C TYR A 303 19.54 2.79 11.92
N LYS A 304 20.44 1.81 11.80
CA LYS A 304 20.98 1.12 12.97
C LYS A 304 21.75 2.07 13.88
N LYS A 305 22.46 3.02 13.26
CA LYS A 305 23.16 4.05 14.00
C LYS A 305 22.21 4.86 14.89
N ASN A 306 21.16 5.40 14.30
CA ASN A 306 20.23 6.29 15.02
C ASN A 306 19.45 5.65 16.16
N LEU A 307 19.50 4.33 16.27
CA LEU A 307 18.75 3.63 17.30
C LEU A 307 19.16 4.02 18.73
N ASN A 308 20.36 3.60 19.14
CA ASN A 308 20.83 3.85 20.50
C ASN A 308 20.92 5.34 20.85
N ASN B 23 -10.06 -1.44 27.70
CA ASN B 23 -11.34 -1.98 27.27
C ASN B 23 -11.76 -1.47 25.87
N ALA B 24 -11.05 -0.46 25.37
CA ALA B 24 -11.32 0.09 24.05
C ALA B 24 -10.54 -0.69 22.98
N THR B 26 -7.99 -1.62 19.91
CA THR B 26 -6.69 -1.22 19.40
C THR B 26 -6.92 -0.56 18.05
N PHE B 27 -6.02 0.33 17.69
CA PHE B 27 -6.06 0.94 16.37
C PHE B 27 -6.22 -0.17 15.32
N SER B 28 -5.57 -1.31 15.56
CA SER B 28 -5.53 -2.41 14.60
C SER B 28 -6.82 -3.18 14.52
N GLN B 29 -7.42 -3.52 15.67
CA GLN B 29 -8.71 -4.17 15.68
C GLN B 29 -9.78 -3.26 15.08
N ILE B 31 -9.32 -1.05 12.63
CA ILE B 31 -9.21 -1.19 11.18
C ILE B 31 -9.81 -2.50 10.65
N LEU B 32 -9.59 -3.59 11.38
CA LEU B 32 -10.18 -4.86 10.97
C LEU B 32 -11.70 -4.82 11.12
N ASN B 33 -12.18 -4.17 12.19
CA ASN B 33 -13.61 -3.94 12.39
C ASN B 33 -14.28 -3.17 11.24
N LEU B 34 -13.67 -2.06 10.82
CA LEU B 34 -14.22 -1.29 9.71
C LEU B 34 -14.30 -2.16 8.47
N GLN B 35 -13.18 -2.73 8.06
CA GLN B 35 -13.12 -3.56 6.87
C GLN B 35 -14.18 -4.66 6.87
N ASN B 36 -14.40 -5.26 8.03
CA ASN B 36 -15.41 -6.30 8.12
C ASN B 36 -16.85 -5.79 8.03
N TYR B 37 -17.10 -4.60 8.57
CA TYR B 37 -18.43 -4.02 8.55
C TYR B 37 -18.81 -3.61 7.14
N TRP B 38 -17.91 -2.89 6.48
CA TRP B 38 -18.19 -2.41 5.14
C TRP B 38 -18.24 -3.56 4.14
N GLN B 39 -17.51 -4.64 4.43
CA GLN B 39 -17.60 -5.85 3.64
C GLN B 39 -19.02 -6.36 3.67
N GLU B 40 -19.63 -6.29 4.85
CA GLU B 40 -21.01 -6.77 5.05
C GLU B 40 -22.08 -5.81 4.53
N GLN B 41 -21.73 -4.55 4.35
CA GLN B 41 -22.61 -3.64 3.61
C GLN B 41 -22.43 -3.87 2.12
N GLY B 42 -21.45 -4.70 1.77
CA GLY B 42 -21.28 -5.11 0.38
C GLY B 42 -20.15 -4.46 -0.37
N CYS B 43 -19.24 -3.80 0.33
CA CYS B 43 -18.03 -3.30 -0.34
C CYS B 43 -17.05 -4.44 -0.58
N ALA B 44 -16.34 -4.36 -1.70
CA ALA B 44 -15.22 -5.25 -1.95
C ALA B 44 -13.98 -4.67 -1.26
N ILE B 45 -13.45 -5.41 -0.29
CA ILE B 45 -12.24 -4.93 0.40
C ILE B 45 -11.04 -4.94 -0.53
N GLN B 47 -6.79 -3.17 -1.13
CA GLN B 47 -5.55 -2.93 -0.41
C GLN B 47 -5.02 -1.57 -0.79
N PRO B 48 -4.35 -0.91 0.16
CA PRO B 48 -3.61 0.32 -0.12
C PRO B 48 -2.80 0.21 -1.42
N TYR B 49 -2.55 1.36 -2.04
CA TYR B 49 -1.90 1.39 -3.31
C TYR B 49 -0.42 1.69 -3.11
N ASP B 50 0.42 1.21 -4.03
CA ASP B 50 1.87 1.29 -3.85
C ASP B 50 2.48 2.52 -4.54
N PRO B 52 2.60 6.83 -3.65
CA PRO B 52 2.25 7.80 -2.60
C PRO B 52 1.12 8.75 -3.04
N ALA B 53 0.07 8.86 -2.22
CA ALA B 53 -1.09 9.70 -2.52
C ALA B 53 -1.52 10.50 -1.30
N GLY B 54 -1.90 11.75 -1.52
CA GLY B 54 -2.39 12.62 -0.46
C GLY B 54 -3.74 12.21 0.10
N ALA B 55 -4.48 11.39 -0.63
CA ALA B 55 -5.78 10.88 -0.19
C ALA B 55 -6.15 9.57 -0.91
N GLY B 56 -6.95 8.72 -0.26
CA GLY B 56 -7.44 7.48 -0.88
C GLY B 56 -8.26 7.67 -2.15
N THR B 57 -8.47 8.93 -2.53
CA THR B 57 -9.29 9.31 -3.67
C THR B 57 -8.49 9.16 -4.95
N PHE B 58 -7.18 9.34 -4.81
CA PHE B 58 -6.23 9.09 -5.88
C PHE B 58 -6.06 7.61 -6.22
N HIS B 59 -6.42 6.74 -5.29
CA HIS B 59 -6.32 5.32 -5.52
C HIS B 59 -7.24 4.95 -6.67
N PRO B 60 -6.68 4.32 -7.72
CA PRO B 60 -7.36 4.03 -8.98
C PRO B 60 -8.66 3.27 -8.75
N ALA B 61 -8.79 2.68 -7.57
CA ALA B 61 -10.02 1.99 -7.22
C ALA B 61 -11.16 2.99 -6.95
N THR B 62 -10.81 4.22 -6.56
CA THR B 62 -11.78 5.31 -6.52
C THR B 62 -11.78 6.09 -7.83
N PHE B 63 -10.68 6.78 -8.10
CA PHE B 63 -10.59 7.65 -9.25
C PHE B 63 -11.09 7.00 -10.54
N LEU B 64 -10.56 5.84 -10.89
CA LEU B 64 -10.87 5.28 -12.19
C LEU B 64 -12.19 4.54 -12.17
N ARG B 65 -12.44 3.84 -11.08
CA ARG B 65 -13.59 2.96 -11.01
C ARG B 65 -14.90 3.74 -10.95
N SER B 66 -14.79 5.04 -10.66
CA SER B 66 -15.93 5.91 -10.50
C SER B 66 -16.41 6.43 -11.86
N LEU B 67 -15.63 6.15 -12.90
CA LEU B 67 -16.04 6.49 -14.27
C LEU B 67 -16.90 5.38 -14.89
N GLY B 68 -17.66 5.73 -15.92
CA GLY B 68 -18.44 4.75 -16.67
C GLY B 68 -19.67 4.26 -15.93
N LYS B 69 -20.41 3.33 -16.55
CA LYS B 69 -21.73 2.95 -16.05
C LYS B 69 -21.74 1.77 -15.09
N LYS B 70 -20.64 1.02 -15.04
CA LYS B 70 -20.57 -0.15 -14.19
C LYS B 70 -20.56 0.25 -12.71
N PRO B 71 -21.40 -0.42 -11.90
CA PRO B 71 -21.45 -0.22 -10.46
C PRO B 71 -20.17 -0.71 -9.77
N TRP B 72 -19.87 -0.15 -8.60
CA TRP B 72 -18.62 -0.42 -7.91
C TRP B 72 -18.75 -0.13 -6.42
N ALA B 73 -18.39 -1.10 -5.58
CA ALA B 73 -18.40 -0.88 -4.14
C ALA B 73 -17.09 -1.35 -3.52
N ALA B 74 -16.47 -0.49 -2.72
CA ALA B 74 -15.08 -0.66 -2.34
C ALA B 74 -14.77 0.00 -1.00
N ALA B 75 -14.04 -0.71 -0.15
CA ALA B 75 -13.51 -0.11 1.08
C ALA B 75 -12.05 -0.50 1.28
N TYR B 76 -11.27 0.42 1.82
CA TYR B 76 -9.85 0.15 2.06
C TYR B 76 -9.16 1.19 2.93
N VAL B 77 -8.15 0.74 3.66
CA VAL B 77 -7.24 1.64 4.34
C VAL B 77 -6.44 2.36 3.28
N ALA B 78 -6.09 3.60 3.57
CA ALA B 78 -5.45 4.47 2.59
C ALA B 78 -4.48 5.37 3.32
N PRO B 79 -3.23 4.89 3.46
CA PRO B 79 -2.18 5.72 4.05
C PRO B 79 -2.05 6.91 3.14
N SER B 80 -2.00 8.11 3.71
CA SER B 80 -2.01 9.32 2.91
C SER B 80 -0.81 10.14 3.29
N ARG B 81 -0.12 10.67 2.28
CA ARG B 81 1.06 11.51 2.50
C ARG B 81 0.71 12.97 2.30
N ARG B 82 0.87 13.76 3.36
CA ARG B 82 0.49 15.17 3.36
C ARG B 82 1.67 16.05 3.70
N PRO B 83 2.64 16.15 2.77
CA PRO B 83 3.91 16.80 3.15
C PRO B 83 3.71 18.10 3.91
N THR B 84 2.75 18.93 3.51
CA THR B 84 2.65 20.26 4.13
C THR B 84 2.12 20.21 5.56
N ASP B 85 1.51 19.07 5.92
CA ASP B 85 0.94 18.90 7.26
C ASP B 85 1.94 18.37 8.29
N GLY B 86 3.14 18.00 7.83
CA GLY B 86 4.14 17.49 8.73
C GLY B 86 4.60 18.53 9.74
N ARG B 87 4.58 18.15 11.02
CA ARG B 87 5.02 19.03 12.09
C ARG B 87 6.19 18.44 12.89
N TYR B 88 7.02 17.64 12.22
CA TYR B 88 8.16 17.00 12.87
C TYR B 88 7.77 16.12 14.06
N GLY B 89 6.60 15.49 14.01
CA GLY B 89 6.14 14.63 15.09
C GLY B 89 5.72 15.33 16.38
N GLU B 90 5.69 16.66 16.37
CA GLU B 90 5.37 17.43 17.56
C GLU B 90 3.87 17.68 17.72
N ASN B 91 3.22 18.09 16.64
CA ASN B 91 1.79 18.39 16.67
C ASN B 91 1.00 17.14 17.03
N PRO B 92 0.22 17.23 18.12
CA PRO B 92 -0.57 16.09 18.64
C PRO B 92 -1.76 15.77 17.76
N ASN B 93 -1.91 16.48 16.65
CA ASN B 93 -3.12 16.38 15.84
C ASN B 93 -2.89 16.32 14.34
N ARG B 94 -1.85 17.00 13.88
CA ARG B 94 -1.54 17.07 12.47
C ARG B 94 -0.36 16.14 12.19
N LEU B 95 -0.46 15.40 11.09
CA LEU B 95 0.61 14.50 10.67
C LEU B 95 0.86 14.67 9.19
N GLY B 96 2.12 14.69 8.78
CA GLY B 96 2.46 14.63 7.36
C GLY B 96 2.08 13.32 6.69
N ALA B 97 1.79 12.28 7.49
CA ALA B 97 1.36 10.99 6.95
C ALA B 97 0.49 10.24 7.94
N TYR B 98 -0.66 9.77 7.47
CA TYR B 98 -1.68 9.19 8.34
C TYR B 98 -2.61 8.28 7.53
N TYR B 99 -3.35 7.43 8.23
CA TYR B 99 -4.21 6.47 7.58
C TYR B 99 -5.68 6.93 7.49
N GLN B 100 -6.14 7.16 6.26
CA GLN B 100 -7.55 7.36 6.01
C GLN B 100 -8.18 5.99 5.85
N PHE B 101 -9.44 5.85 6.25
CA PHE B 101 -10.19 4.70 5.81
C PHE B 101 -11.19 5.14 4.74
N GLN B 102 -11.16 4.49 3.58
CA GLN B 102 -11.94 4.92 2.43
C GLN B 102 -13.05 3.97 2.04
N VAL B 103 -14.29 4.46 2.03
CA VAL B 103 -15.40 3.71 1.47
C VAL B 103 -15.88 4.40 0.19
N LEU B 104 -16.27 3.62 -0.82
CA LEU B 104 -16.73 4.19 -2.08
C LEU B 104 -17.84 3.33 -2.64
N ILE B 105 -19.06 3.85 -2.61
CA ILE B 105 -20.19 3.11 -3.11
C ILE B 105 -20.86 3.80 -4.28
N LYS B 106 -20.81 3.14 -5.44
CA LYS B 106 -21.36 3.69 -6.66
C LYS B 106 -22.32 2.68 -7.27
N PRO B 107 -23.59 3.09 -7.45
CA PRO B 107 -24.08 4.44 -7.10
C PRO B 107 -24.43 4.52 -5.62
N SER B 108 -24.42 5.74 -5.07
CA SER B 108 -24.68 5.95 -3.65
C SER B 108 -26.06 5.50 -3.17
N PRO B 109 -26.13 4.99 -1.93
CA PRO B 109 -27.37 4.54 -1.32
C PRO B 109 -28.06 5.71 -0.62
N ASP B 110 -29.08 5.41 0.16
CA ASP B 110 -29.84 6.44 0.86
C ASP B 110 -29.48 6.42 2.35
N ASN B 111 -29.27 5.21 2.87
CA ASN B 111 -28.91 5.00 4.27
C ASN B 111 -27.47 5.42 4.54
N ILE B 112 -26.86 6.00 3.50
CA ILE B 112 -25.48 6.43 3.54
C ILE B 112 -25.08 7.11 4.85
N GLN B 113 -26.04 7.78 5.49
CA GLN B 113 -25.75 8.52 6.71
C GLN B 113 -25.83 7.63 7.94
N GLU B 114 -26.84 6.78 7.98
CA GLU B 114 -27.01 5.85 9.08
C GLU B 114 -25.97 4.73 8.96
N LEU B 115 -25.67 4.35 7.73
CA LEU B 115 -24.64 3.34 7.49
C LEU B 115 -23.34 3.75 8.15
N TYR B 116 -22.96 5.01 7.96
CA TYR B 116 -21.74 5.52 8.59
C TYR B 116 -21.87 5.51 10.11
N LEU B 117 -23.03 5.91 10.61
CA LEU B 117 -23.25 5.99 12.05
C LEU B 117 -23.28 4.60 12.69
N LYS B 118 -23.87 3.64 12.00
CA LYS B 118 -23.85 2.27 12.51
C LYS B 118 -22.40 1.81 12.59
N SER B 119 -21.60 2.20 11.61
CA SER B 119 -20.18 1.89 11.63
C SER B 119 -19.52 2.37 12.95
N LEU B 120 -19.88 3.56 13.41
CA LEU B 120 -19.30 4.10 14.64
C LEU B 120 -19.78 3.39 15.90
N GLU B 121 -21.03 2.93 15.89
CA GLU B 121 -21.52 2.14 17.01
C GLU B 121 -20.68 0.88 17.08
N ASN B 122 -20.35 0.33 15.92
CA ASN B 122 -19.55 -0.88 15.80
C ASN B 122 -18.19 -0.78 16.48
N LEU B 123 -17.57 0.39 16.44
CA LEU B 123 -16.27 0.54 17.06
C LEU B 123 -16.44 0.62 18.57
N GLY B 124 -17.68 0.81 18.99
CA GLY B 124 -18.03 0.89 20.40
C GLY B 124 -18.55 2.26 20.81
N PHE B 125 -18.64 3.17 19.85
CA PHE B 125 -19.12 4.52 20.15
C PHE B 125 -20.55 4.54 20.65
N ASP B 126 -20.77 5.25 21.76
CA ASP B 126 -22.10 5.57 22.23
C ASP B 126 -22.57 6.83 21.54
N LEU B 127 -23.48 6.69 20.57
CA LEU B 127 -23.91 7.82 19.77
C LEU B 127 -24.56 8.96 20.57
N LYS B 128 -25.26 8.61 21.64
CA LYS B 128 -25.91 9.60 22.49
C LYS B 128 -24.90 10.59 23.08
N SER B 129 -24.06 10.10 23.98
CA SER B 129 -23.11 10.97 24.68
C SER B 129 -21.98 11.45 23.78
N HIS B 130 -22.35 11.86 22.57
CA HIS B 130 -21.42 12.51 21.66
C HIS B 130 -22.17 13.50 20.77
N ASP B 131 -21.51 14.60 20.47
CA ASP B 131 -22.11 15.70 19.71
C ASP B 131 -21.71 15.61 18.22
N ILE B 132 -22.66 15.21 17.38
CA ILE B 132 -22.36 14.82 16.00
C ILE B 132 -22.82 15.80 14.94
N ARG B 133 -21.94 16.72 14.55
CA ARG B 133 -22.27 17.73 13.55
C ARG B 133 -22.08 17.24 12.11
N PHE B 134 -22.80 17.83 11.16
CA PHE B 134 -22.60 17.53 9.74
C PHE B 134 -22.47 18.81 8.90
N VAL B 135 -21.64 19.74 9.34
CA VAL B 135 -21.40 20.97 8.60
C VAL B 135 -21.05 20.69 7.13
N GLU B 136 -21.93 21.08 6.22
CA GLU B 136 -21.71 20.87 4.79
C GLU B 136 -20.44 21.54 4.27
N ASP B 137 -19.75 20.87 3.35
CA ASP B 137 -18.49 21.37 2.81
C ASP B 137 -18.25 20.79 1.42
N ASN B 138 -18.82 21.43 0.42
CA ASN B 138 -18.73 20.92 -0.95
C ASN B 138 -17.29 20.85 -1.47
N TRP B 139 -17.06 19.95 -2.43
CA TRP B 139 -15.72 19.59 -2.87
C TRP B 139 -15.38 20.04 -4.29
N GLU B 140 -14.29 20.76 -4.43
CA GLU B 140 -13.77 21.14 -5.74
C GLU B 140 -12.30 20.70 -5.82
N SER B 141 -11.99 19.77 -6.72
CA SER B 141 -10.63 19.29 -6.87
C SER B 141 -10.11 19.49 -8.27
N PRO B 142 -9.56 20.68 -8.53
CA PRO B 142 -8.97 20.96 -9.85
C PRO B 142 -7.87 19.95 -10.26
N SER B 143 -7.06 19.44 -9.32
CA SER B 143 -6.03 18.44 -9.65
C SER B 143 -6.59 17.23 -10.39
N LEU B 144 -7.62 16.62 -9.80
CA LEU B 144 -8.39 15.54 -10.39
C LEU B 144 -9.44 15.97 -11.42
N GLY B 145 -9.57 17.28 -11.66
CA GLY B 145 -10.63 17.81 -12.51
C GLY B 145 -12.00 17.33 -12.05
N ALA B 146 -12.22 17.38 -10.74
CA ALA B 146 -13.44 16.85 -10.13
C ALA B 146 -14.19 17.84 -9.22
N TRP B 147 -15.47 17.54 -8.98
CA TRP B 147 -16.27 18.25 -7.98
C TRP B 147 -17.44 17.40 -7.46
N GLY B 148 -17.87 17.69 -6.26
CA GLY B 148 -19.06 17.04 -5.74
C GLY B 148 -19.69 17.72 -4.55
N LEU B 149 -20.82 17.19 -4.11
CA LEU B 149 -21.48 17.64 -2.89
C LEU B 149 -20.75 17.12 -1.68
N GLY B 150 -20.54 17.95 -0.67
CA GLY B 150 -19.69 17.54 0.44
C GLY B 150 -20.14 17.91 1.83
N TRP B 151 -19.99 16.96 2.76
CA TRP B 151 -20.32 17.17 4.15
C TRP B 151 -19.21 16.77 5.11
N GLU B 152 -18.57 17.75 5.75
CA GLU B 152 -17.68 17.46 6.86
C GLU B 152 -18.44 16.81 7.99
N VAL B 153 -17.72 16.19 8.91
CA VAL B 153 -18.33 15.54 10.07
C VAL B 153 -17.53 15.86 11.31
N TRP B 154 -18.10 16.66 12.19
CA TRP B 154 -17.45 16.99 13.44
C TRP B 154 -17.97 16.10 14.55
N LEU B 155 -17.07 15.66 15.41
CA LEU B 155 -17.46 14.93 16.60
C LEU B 155 -16.85 15.64 17.80
N ASP B 156 -17.71 16.04 18.72
CA ASP B 156 -17.29 16.74 19.92
C ASP B 156 -16.25 17.81 19.60
N GLY B 157 -16.39 18.44 18.44
CA GLY B 157 -15.58 19.59 18.09
C GLY B 157 -14.28 19.28 17.35
N GLU B 159 -13.15 17.80 13.15
CA GLU B 159 -13.36 17.08 11.89
C GLU B 159 -12.81 15.66 12.03
N VAL B 160 -13.63 14.66 11.71
CA VAL B 160 -13.20 13.26 11.78
C VAL B 160 -13.62 12.44 10.57
N THR B 161 -14.43 13.04 9.69
CA THR B 161 -14.86 12.35 8.47
C THR B 161 -15.28 13.33 7.39
N GLN B 162 -15.22 12.91 6.13
CA GLN B 162 -15.80 13.68 5.03
C GLN B 162 -16.66 12.78 4.20
N PHE B 163 -17.89 13.22 3.96
CA PHE B 163 -18.72 12.60 2.95
C PHE B 163 -18.55 13.39 1.67
N THR B 164 -18.71 12.70 0.55
CA THR B 164 -18.61 13.35 -0.75
C THR B 164 -19.44 12.60 -1.78
N TYR B 165 -20.14 13.33 -2.64
CA TYR B 165 -20.84 12.70 -3.75
C TYR B 165 -20.24 13.26 -5.01
N PHE B 166 -19.77 12.38 -5.90
CA PHE B 166 -19.07 12.83 -7.09
C PHE B 166 -20.06 13.18 -8.17
N GLN B 167 -19.81 14.31 -8.86
CA GLN B 167 -20.63 14.68 -10.01
C GLN B 167 -19.76 14.64 -11.25
N GLN B 168 -18.50 15.00 -11.05
CA GLN B 168 -17.51 14.99 -12.11
C GLN B 168 -16.15 14.50 -11.62
N VAL B 169 -15.51 13.63 -12.40
CA VAL B 169 -14.11 13.24 -12.17
C VAL B 169 -13.30 13.31 -13.46
N GLY B 170 -12.05 13.77 -13.34
CA GLY B 170 -11.19 13.94 -14.49
C GLY B 170 -11.85 14.68 -15.63
N GLY B 171 -12.48 15.82 -15.31
CA GLY B 171 -13.19 16.64 -16.28
C GLY B 171 -14.36 15.98 -16.99
N ILE B 172 -15.03 15.06 -16.31
CA ILE B 172 -16.01 14.20 -16.96
C ILE B 172 -17.24 13.91 -16.09
N ALA B 173 -18.41 14.11 -16.69
CA ALA B 173 -19.68 13.91 -16.02
C ALA B 173 -19.94 12.44 -15.65
N VAL B 174 -20.13 12.18 -14.37
CA VAL B 174 -20.46 10.82 -13.92
C VAL B 174 -21.79 10.27 -14.46
N ASP B 175 -21.79 9.00 -14.84
CA ASP B 175 -22.99 8.29 -15.26
C ASP B 175 -23.75 7.81 -14.05
N LEU B 176 -23.06 7.72 -12.93
CA LEU B 176 -23.66 7.34 -11.66
C LEU B 176 -22.90 8.11 -10.63
N VAL B 177 -23.56 8.45 -9.54
CA VAL B 177 -22.91 9.24 -8.51
C VAL B 177 -22.32 8.27 -7.50
N SER B 178 -21.10 8.58 -7.07
CA SER B 178 -20.42 7.73 -6.13
C SER B 178 -20.47 8.40 -4.77
N ALA B 179 -20.93 7.64 -3.78
CA ALA B 179 -20.76 8.07 -2.41
C ALA B 179 -19.34 7.73 -1.96
N GLU B 180 -18.86 8.46 -0.99
CA GLU B 180 -17.46 8.38 -0.64
C GLU B 180 -17.24 8.87 0.79
N ILE B 181 -17.01 7.93 1.70
CA ILE B 181 -16.76 8.25 3.10
C ILE B 181 -15.27 8.16 3.39
N THR B 182 -14.71 9.22 3.97
CA THR B 182 -13.30 9.22 4.30
C THR B 182 -13.11 9.45 5.77
N TYR B 183 -12.95 8.36 6.51
CA TYR B 183 -12.63 8.44 7.93
C TYR B 183 -11.21 8.96 8.09
N GLY B 184 -11.00 9.82 9.08
CA GLY B 184 -9.67 10.15 9.55
C GLY B 184 -9.43 9.24 10.74
N LEU B 185 -8.86 8.06 10.47
CA LEU B 185 -8.78 6.99 11.46
C LEU B 185 -8.09 7.38 12.76
N GLU B 186 -7.14 8.30 12.66
CA GLU B 186 -6.36 8.70 13.83
C GLU B 186 -7.24 9.44 14.81
N ARG B 187 -7.89 10.51 14.36
CA ARG B 187 -8.66 11.36 15.26
C ARG B 187 -9.76 10.52 15.91
N ILE B 188 -10.36 9.63 15.12
CA ILE B 188 -11.42 8.77 15.60
C ILE B 188 -10.91 7.88 16.73
N ALA B 189 -9.63 7.54 16.66
CA ALA B 189 -8.99 6.69 17.65
C ALA B 189 -8.74 7.43 18.97
N TYR B 191 -10.50 9.56 20.17
CA TYR B 191 -11.80 9.59 20.81
C TYR B 191 -12.24 8.22 21.28
N LEU B 192 -11.86 7.18 20.57
CA LEU B 192 -12.23 5.84 20.99
C LEU B 192 -11.43 5.37 22.19
N GLN B 193 -10.17 5.77 22.27
CA GLN B 193 -9.30 5.28 23.35
C GLN B 193 -9.21 6.28 24.48
N ASN B 194 -9.86 7.43 24.29
CA ASN B 194 -9.85 8.48 25.29
C ASN B 194 -8.44 9.04 25.48
N VAL B 195 -7.71 9.16 24.37
CA VAL B 195 -6.39 9.79 24.42
C VAL B 195 -6.41 11.17 23.78
N ASP B 196 -5.57 12.05 24.29
CA ASP B 196 -5.54 13.45 23.86
C ASP B 196 -4.37 13.71 22.92
N ASN B 197 -3.73 12.64 22.47
CA ASN B 197 -2.57 12.70 21.60
C ASN B 197 -2.53 11.48 20.67
N VAL B 198 -2.13 11.70 19.42
CA VAL B 198 -2.19 10.64 18.41
C VAL B 198 -1.12 9.58 18.64
N TYR B 199 0.00 10.02 19.21
CA TYR B 199 1.11 9.12 19.43
C TYR B 199 0.86 8.18 20.59
N ASP B 200 -0.12 8.51 21.42
CA ASP B 200 -0.48 7.67 22.54
C ASP B 200 -1.62 6.73 22.20
N ILE B 201 -2.01 6.71 20.94
CA ILE B 201 -2.93 5.71 20.45
C ILE B 201 -2.28 4.34 20.60
N VAL B 202 -3.00 3.39 21.21
CA VAL B 202 -2.48 2.03 21.30
C VAL B 202 -2.67 1.30 19.99
N TRP B 203 -1.56 1.00 19.33
CA TRP B 203 -1.60 0.36 18.03
C TRP B 203 -2.09 -1.07 18.19
N SER B 204 -1.47 -1.80 19.11
CA SER B 204 -1.78 -3.21 19.30
C SER B 204 -1.47 -3.63 20.72
N GLU B 205 -2.06 -4.73 21.16
CA GLU B 205 -1.79 -5.27 22.49
C GLU B 205 -1.77 -6.79 22.41
N PHE B 206 -0.99 -7.42 23.29
CA PHE B 206 -0.93 -8.86 23.33
C PHE B 206 -0.52 -9.28 24.73
N ASN B 207 -1.43 -9.94 25.44
CA ASN B 207 -1.17 -10.36 26.82
C ASN B 207 -0.57 -9.24 27.66
N GLY B 208 -1.13 -8.04 27.53
CA GLY B 208 -0.71 -6.93 28.36
C GLY B 208 0.21 -5.90 27.73
N GLU B 209 1.27 -6.36 27.07
CA GLU B 209 2.24 -5.44 26.46
C GLU B 209 1.58 -4.62 25.35
N LYS B 210 1.92 -3.34 25.27
CA LYS B 210 1.30 -2.47 24.29
C LYS B 210 2.29 -1.81 23.34
N ILE B 211 1.87 -1.61 22.10
CA ILE B 211 2.57 -0.78 21.14
C ILE B 211 1.76 0.49 20.86
N LYS B 212 2.33 1.64 21.19
CA LYS B 212 1.69 2.92 20.91
C LYS B 212 1.91 3.35 19.44
N TYR B 213 1.17 4.37 19.02
CA TYR B 213 1.29 4.90 17.66
C TYR B 213 2.68 5.50 17.51
N ALA B 214 3.22 6.01 18.62
CA ALA B 214 4.54 6.63 18.62
C ALA B 214 5.62 5.61 18.28
N ASP B 215 5.54 4.43 18.90
CA ASP B 215 6.51 3.36 18.64
C ASP B 215 6.56 3.04 17.16
N VAL B 216 5.41 3.11 16.51
CA VAL B 216 5.35 2.78 15.10
C VAL B 216 5.74 3.95 14.19
N HIS B 217 5.43 5.18 14.59
CA HIS B 217 5.56 6.30 13.64
C HIS B 217 6.33 7.54 14.09
N LYS B 218 6.55 7.70 15.39
CA LYS B 218 7.14 8.94 15.89
C LYS B 218 8.36 9.36 15.06
N GLN B 219 9.14 8.39 14.63
CA GLN B 219 10.43 8.68 13.99
C GLN B 219 10.30 9.15 12.55
N SER B 220 9.50 8.44 11.76
CA SER B 220 9.24 8.85 10.39
C SER B 220 8.67 10.26 10.35
N GLU B 221 7.69 10.53 11.22
CA GLU B 221 7.14 11.88 11.35
C GLU B 221 8.24 12.93 11.40
N TYR B 222 9.17 12.77 12.35
CA TYR B 222 10.36 13.61 12.37
C TYR B 222 11.21 13.57 11.09
N GLU B 223 11.60 12.37 10.67
CA GLU B 223 12.55 12.26 9.56
C GLU B 223 11.99 12.76 8.25
N PHE B 224 10.75 12.37 7.96
CA PHE B 224 10.06 12.85 6.77
C PHE B 224 9.77 14.37 6.79
N SER B 225 9.40 14.92 7.95
CA SER B 225 9.30 16.36 8.10
C SER B 225 10.62 17.04 7.78
N LYS B 226 11.67 16.69 8.51
CA LYS B 226 12.99 17.27 8.25
C LYS B 226 13.32 17.22 6.76
N TYR B 227 13.07 16.09 6.13
CA TYR B 227 13.37 15.97 4.71
C TYR B 227 12.50 16.86 3.81
N ASN B 228 11.19 16.69 3.91
CA ASN B 228 10.24 17.54 3.16
C ASN B 228 10.53 19.04 3.27
N PHE B 229 10.77 19.52 4.49
CA PHE B 229 11.02 20.94 4.75
C PHE B 229 12.43 21.45 4.43
N GLU B 230 13.46 20.66 4.75
CA GLU B 230 14.83 21.20 4.81
C GLU B 230 15.87 20.52 3.94
N VAL B 231 15.59 19.29 3.49
CA VAL B 231 16.65 18.45 2.94
C VAL B 231 16.54 18.16 1.45
N SER B 232 15.32 17.91 1.00
CA SER B 232 15.04 17.53 -0.37
C SER B 232 15.74 18.42 -1.40
N ASP B 233 16.23 17.81 -2.46
CA ASP B 233 16.93 18.50 -3.53
C ASP B 233 15.93 18.95 -4.58
N VAL B 234 15.83 20.28 -4.76
CA VAL B 234 14.80 20.88 -5.61
C VAL B 234 14.95 20.53 -7.08
N LYS B 235 16.17 20.62 -7.60
CA LYS B 235 16.39 20.27 -9.01
C LYS B 235 16.05 18.81 -9.28
N ILE B 236 16.29 17.94 -8.31
CA ILE B 236 16.01 16.53 -8.52
C ILE B 236 14.50 16.36 -8.52
N LEU B 237 13.87 17.03 -7.57
CA LEU B 237 12.41 17.05 -7.48
C LEU B 237 11.75 17.66 -8.74
N ASN B 238 12.29 18.74 -9.24
CA ASN B 238 11.79 19.25 -10.52
C ASN B 238 11.93 18.22 -11.64
N GLU B 239 13.13 17.62 -11.75
CA GLU B 239 13.39 16.56 -12.74
C GLU B 239 12.37 15.43 -12.61
N GLN B 240 12.10 15.01 -11.38
CA GLN B 240 11.17 13.92 -11.17
C GLN B 240 9.81 14.29 -11.72
N PHE B 241 9.43 15.56 -11.51
CA PHE B 241 8.16 16.10 -11.99
C PHE B 241 7.98 16.10 -13.50
N GLU B 242 8.88 16.75 -14.22
CA GLU B 242 8.79 16.76 -15.68
C GLU B 242 8.79 15.34 -16.27
N ASN B 243 9.71 14.50 -15.77
CA ASN B 243 9.80 13.11 -16.23
C ASN B 243 8.52 12.33 -15.99
N SER B 244 7.97 12.44 -14.79
CA SER B 244 6.67 11.83 -14.51
C SER B 244 5.61 12.28 -15.51
N TYR B 245 5.68 13.54 -15.91
CA TYR B 245 4.70 14.15 -16.80
C TYR B 245 4.91 13.67 -18.24
N LYS B 246 6.17 13.68 -18.68
CA LYS B 246 6.55 13.16 -20.00
C LYS B 246 6.19 11.68 -20.20
N GLU B 247 6.43 10.86 -19.18
CA GLU B 247 6.19 9.43 -19.32
C GLU B 247 4.69 9.14 -19.36
N CYS B 248 3.95 9.74 -18.44
CA CYS B 248 2.49 9.69 -18.47
C CYS B 248 1.95 10.00 -19.89
N LYS B 249 2.48 11.04 -20.53
CA LYS B 249 2.03 11.40 -21.87
C LYS B 249 2.41 10.33 -22.87
N ASN B 250 3.65 9.86 -22.78
CA ASN B 250 4.18 8.80 -23.64
C ASN B 250 3.34 7.51 -23.63
N ILE B 251 2.76 7.21 -22.47
CA ILE B 251 2.03 5.97 -22.25
C ILE B 251 0.60 6.08 -22.73
N LEU B 252 0.02 7.26 -22.52
CA LEU B 252 -1.34 7.55 -22.97
C LEU B 252 -1.39 7.57 -24.49
N GLU B 253 -0.33 8.05 -25.13
CA GLU B 253 -0.21 7.93 -26.59
C GLU B 253 -0.44 6.49 -27.06
N GLN B 254 -0.47 5.56 -26.11
CA GLN B 254 -0.51 4.14 -26.42
C GLN B 254 -1.83 3.46 -26.00
N GLY B 255 -2.71 4.24 -25.36
CA GLY B 255 -4.01 3.75 -24.95
C GLY B 255 -4.01 3.04 -23.61
N LEU B 256 -2.94 3.20 -22.84
CA LEU B 256 -2.76 2.45 -21.60
C LEU B 256 -2.83 3.34 -20.39
N ALA B 257 -3.98 3.36 -19.73
CA ALA B 257 -4.22 4.35 -18.67
C ALA B 257 -3.76 3.94 -17.27
N LEU B 258 -3.73 2.64 -16.99
CA LEU B 258 -3.43 2.18 -15.63
C LEU B 258 -1.99 2.50 -15.18
N PRO B 259 -1.00 2.16 -16.03
CA PRO B 259 0.41 2.53 -15.86
C PRO B 259 0.60 4.06 -16.01
N ALA B 260 -0.11 4.66 -16.96
CA ALA B 260 -0.10 6.12 -17.11
C ALA B 260 -0.46 6.78 -15.79
N TYR B 261 -1.53 6.31 -15.18
CA TYR B 261 -2.03 6.90 -13.95
C TYR B 261 -1.04 6.91 -12.77
N ASP B 262 -0.13 5.94 -12.71
CA ASP B 262 0.83 5.91 -11.61
C ASP B 262 1.81 7.07 -11.68
N TYR B 263 2.10 7.50 -12.90
CA TYR B 263 3.04 8.57 -13.11
C TYR B 263 2.37 9.91 -12.80
N CYS B 264 1.08 10.00 -13.12
CA CYS B 264 0.25 11.10 -12.67
C CYS B 264 0.23 11.14 -11.13
N LEU B 266 2.43 10.17 -9.22
CA LEU B 266 3.77 10.53 -8.80
C LEU B 266 4.03 12.02 -9.01
N ALA B 267 3.50 12.55 -10.10
CA ALA B 267 3.58 13.98 -10.40
C ALA B 267 2.90 14.78 -9.29
N ALA B 268 1.69 14.36 -8.94
CA ALA B 268 0.90 15.04 -7.92
C ALA B 268 1.67 15.10 -6.60
N HIS B 269 2.31 13.99 -6.24
CA HIS B 269 3.04 13.88 -4.98
C HIS B 269 4.31 14.73 -4.98
N THR B 270 4.93 14.84 -6.14
CA THR B 270 6.19 15.55 -6.26
C THR B 270 5.93 17.02 -6.12
N PHE B 271 4.84 17.47 -6.75
CA PHE B 271 4.37 18.83 -6.63
C PHE B 271 4.24 19.18 -5.15
N ASN B 272 3.66 18.26 -4.38
CA ASN B 272 3.44 18.49 -2.95
C ASN B 272 4.71 18.60 -2.13
N LEU B 273 5.72 17.83 -2.52
CA LEU B 273 7.03 17.91 -1.90
C LEU B 273 7.65 19.27 -2.21
N LEU B 274 7.66 19.66 -3.49
CA LEU B 274 8.15 20.98 -3.88
C LEU B 274 7.42 22.11 -3.16
N ASP B 275 6.17 21.85 -2.81
CA ASP B 275 5.34 22.75 -2.03
C ASP B 275 5.90 22.98 -0.63
N ALA B 276 6.05 21.89 0.13
CA ALA B 276 6.59 21.95 1.49
C ALA B 276 8.03 22.45 1.55
N ARG B 277 8.70 22.47 0.41
CA ARG B 277 10.07 22.96 0.35
C ARG B 277 10.14 24.48 0.12
N GLY B 278 8.99 25.07 -0.16
CA GLY B 278 8.90 26.49 -0.49
C GLY B 278 9.50 26.77 -1.84
N ALA B 279 9.39 25.80 -2.74
CA ALA B 279 10.02 25.90 -4.04
C ALA B 279 9.03 26.32 -5.11
N ILE B 280 7.79 26.56 -4.68
CA ILE B 280 6.74 27.01 -5.58
C ILE B 280 6.06 28.25 -5.03
N SER B 281 6.07 29.34 -5.81
CA SER B 281 5.22 30.49 -5.49
C SER B 281 3.90 30.39 -6.24
N VAL B 282 2.99 31.32 -5.97
CA VAL B 282 1.66 31.29 -6.57
C VAL B 282 1.67 31.61 -8.07
N ALA B 283 2.61 32.46 -8.47
CA ALA B 283 2.83 32.75 -9.88
C ALA B 283 3.16 31.48 -10.67
N GLN B 284 4.11 30.70 -10.16
CA GLN B 284 4.55 29.48 -10.83
C GLN B 284 3.66 28.29 -10.48
N ARG B 285 2.89 28.44 -9.40
CA ARG B 285 2.00 27.39 -8.96
C ARG B 285 0.99 27.00 -10.03
N GLN B 286 0.67 27.94 -10.90
CA GLN B 286 -0.27 27.71 -11.99
C GLN B 286 0.30 26.69 -12.97
N ASP B 287 1.55 26.87 -13.35
CA ASP B 287 2.12 26.01 -14.37
C ASP B 287 2.23 24.53 -13.96
N TYR B 288 2.46 24.26 -12.68
CA TYR B 288 2.45 22.87 -12.20
C TYR B 288 1.02 22.30 -12.26
N LEU B 290 -1.60 23.14 -13.82
CA LEU B 290 -2.05 22.90 -15.18
C LEU B 290 -1.67 21.49 -15.64
N LYS B 291 -0.38 21.16 -15.58
CA LYS B 291 0.11 19.87 -16.04
C LYS B 291 -0.52 18.70 -15.31
N ILE B 292 -0.69 18.82 -14.00
CA ILE B 292 -1.27 17.72 -13.22
C ILE B 292 -2.69 17.44 -13.66
N ARG B 293 -3.46 18.53 -13.81
CA ARG B 293 -4.85 18.47 -14.21
C ARG B 293 -4.99 17.92 -15.62
N GLU B 294 -4.03 18.26 -16.48
CA GLU B 294 -3.99 17.67 -17.81
C GLU B 294 -3.72 16.16 -17.77
N LEU B 295 -2.79 15.73 -16.91
CA LEU B 295 -2.48 14.30 -16.81
C LEU B 295 -3.72 13.51 -16.42
N SER B 296 -4.44 13.98 -15.40
CA SER B 296 -5.51 13.18 -14.81
C SER B 296 -6.73 13.14 -15.71
N LYS B 297 -6.91 14.22 -16.46
CA LYS B 297 -8.00 14.31 -17.41
C LYS B 297 -7.74 13.30 -18.53
N ASN B 298 -6.56 13.39 -19.12
CA ASN B 298 -6.18 12.48 -20.20
C ASN B 298 -6.24 11.00 -19.82
N CYS B 299 -5.83 10.68 -18.59
CA CYS B 299 -5.89 9.32 -18.09
C CYS B 299 -7.32 8.87 -18.00
N ALA B 300 -8.14 9.71 -17.39
CA ALA B 300 -9.57 9.46 -17.24
C ALA B 300 -10.29 9.21 -18.56
N GLU B 301 -9.87 9.90 -19.61
CA GLU B 301 -10.51 9.77 -20.92
C GLU B 301 -10.20 8.42 -21.51
N ILE B 302 -8.90 8.11 -21.53
CA ILE B 302 -8.37 6.88 -22.10
C ILE B 302 -8.96 5.68 -21.37
N TYR B 303 -8.96 5.74 -20.05
CA TYR B 303 -9.60 4.69 -19.27
C TYR B 303 -11.02 4.43 -19.76
N LYS B 304 -11.91 5.40 -19.56
CA LYS B 304 -13.32 5.30 -19.94
C LYS B 304 -13.48 4.74 -21.35
N LYS B 305 -12.80 5.36 -22.30
CA LYS B 305 -12.78 4.90 -23.67
C LYS B 305 -12.52 3.38 -23.78
N ASN B 306 -11.42 2.92 -23.18
CA ASN B 306 -11.08 1.50 -23.12
C ASN B 306 -12.22 0.60 -22.63
N LEU B 307 -13.07 1.14 -21.76
CA LEU B 307 -14.10 0.33 -21.09
C LEU B 307 -15.08 -0.32 -22.05
N ASN B 308 -15.38 0.35 -23.15
CA ASN B 308 -16.34 -0.18 -24.11
C ASN B 308 -15.66 -0.65 -25.38
#